data_3RZ9
#
_entry.id   3RZ9
#
_cell.length_a   77.357
_cell.length_b   88.295
_cell.length_c   98.309
_cell.angle_alpha   90.00
_cell.angle_beta   90.00
_cell.angle_gamma   90.00
#
_symmetry.space_group_name_H-M   'P 21 21 21'
#
loop_
_entity.id
_entity.type
_entity.pdbx_description
1 polymer 'Importin subunit alpha-2'
2 polymer 'Ku80 NLS peptide'
3 water water
#
loop_
_entity_poly.entity_id
_entity_poly.type
_entity_poly.pdbx_seq_one_letter_code
_entity_poly.pdbx_strand_id
1 'polypeptide(L)'
;MHHHHHHSSGLVPRGSGMKETAAAKFERQHMDSPDLGTDDDDKAMADIGSNQGTVNWSVEDIVKGINSNNLESQLQATQA
ARKLLSREKQPPIDNIIRAGLIPKFVSFLGKTDCSPIQFESAWALTNIASGTSEQTKAVVDGGAIPAFISLLASPHAHIS
EQAVWALGNIAGDGSAFRDLVIKHGAIDPLLALLAVPDLSTLACGYLRNLTWTLSNLCRNKNPAPPLDAVEQILPTLVRL
LHHNDPEVLADSCWAISYLTDGPNERIEMVVKKGVVPQLVKLLGATELPIVTPALRAIGNIVTGTDEQTQKVIDAGALAV
FPSLLTNPKTNIQKEATWTMSNITAGRQDQIQQVVNHGLVPFLVGVLSKADFKTQKEAAWAITNYTSGGTVEQIVYLVHC
GIIEPLMNLLSAKDTKIIQVILDAISNIFQAAEKLGETEKLSIMIEECGGLDKIEALQRHENESVYKASLNLIEKYFSVE
EEEDQNVVPETTSEGFAFQVQDGAPGTFNF
;
A
2 'polypeptide(L)' EDGPTAKKLKTEQ B
#
# COMPACT_ATOMS: atom_id res chain seq x y z
N GLY A 53 -39.10 16.19 -1.95
CA GLY A 53 -39.05 17.32 -0.99
C GLY A 53 -37.70 18.03 -1.02
N THR A 54 -36.62 17.25 -0.84
CA THR A 54 -35.24 17.79 -0.75
C THR A 54 -34.31 17.31 -1.88
N VAL A 55 -34.92 16.79 -2.95
CA VAL A 55 -34.25 16.39 -4.19
C VAL A 55 -34.18 17.62 -5.15
N ASN A 56 -33.01 17.81 -5.77
CA ASN A 56 -32.76 18.85 -6.78
C ASN A 56 -32.91 20.31 -6.37
N TRP A 57 -32.60 20.67 -5.13
CA TRP A 57 -32.56 22.08 -4.76
C TRP A 57 -31.41 22.79 -5.42
N SER A 58 -31.60 24.10 -5.58
CA SER A 58 -30.53 24.97 -5.99
C SER A 58 -29.73 25.33 -4.73
N VAL A 59 -28.51 25.80 -4.92
CA VAL A 59 -27.63 26.11 -3.83
C VAL A 59 -28.20 27.30 -3.11
N GLU A 60 -28.83 28.18 -3.86
CA GLU A 60 -29.36 29.39 -3.26
C GLU A 60 -30.61 29.07 -2.43
N ASP A 61 -31.39 28.07 -2.81
CA ASP A 61 -32.45 27.58 -1.90
C ASP A 61 -31.92 26.97 -0.63
N ILE A 62 -30.85 26.17 -0.76
CA ILE A 62 -30.16 25.62 0.39
C ILE A 62 -29.69 26.74 1.30
N VAL A 63 -29.12 27.81 0.75
CA VAL A 63 -28.62 28.93 1.55
C VAL A 63 -29.78 29.61 2.27
N LYS A 64 -30.87 29.76 1.51
CA LYS A 64 -32.06 30.39 2.03
C LYS A 64 -32.62 29.58 3.24
N GLY A 65 -32.67 28.24 3.12
CA GLY A 65 -33.11 27.42 4.23
C GLY A 65 -32.19 27.36 5.43
N ILE A 66 -30.90 27.34 5.14
CA ILE A 66 -29.91 27.26 6.21
C ILE A 66 -29.84 28.56 7.01
N ASN A 67 -30.03 29.67 6.29
CA ASN A 67 -30.06 30.99 6.89
C ASN A 67 -31.36 31.36 7.54
N SER A 68 -32.38 30.49 7.45
CA SER A 68 -33.69 30.76 8.08
C SER A 68 -33.55 30.66 9.58
N ASN A 69 -34.44 31.29 10.31
CA ASN A 69 -34.26 31.10 11.74
C ASN A 69 -35.03 29.85 12.27
N ASN A 70 -34.93 28.73 11.54
CA ASN A 70 -35.86 27.64 11.73
C ASN A 70 -35.11 26.36 11.53
N LEU A 71 -34.90 25.71 12.67
CA LEU A 71 -34.16 24.47 12.72
C LEU A 71 -34.64 23.42 11.76
N GLU A 72 -35.96 23.29 11.59
CA GLU A 72 -36.48 22.37 10.55
C GLU A 72 -36.18 22.75 9.16
N SER A 73 -36.30 24.03 8.84
CA SER A 73 -35.96 24.54 7.51
C SER A 73 -34.46 24.29 7.23
N GLN A 74 -33.64 24.56 8.24
CA GLN A 74 -32.20 24.29 8.14
C GLN A 74 -31.95 22.83 7.91
N LEU A 75 -32.70 21.99 8.62
CA LEU A 75 -32.59 20.55 8.51
C LEU A 75 -32.88 20.12 7.09
N GLN A 76 -34.01 20.60 6.57
CA GLN A 76 -34.42 20.31 5.21
C GLN A 76 -33.40 20.78 4.16
N ALA A 77 -32.91 21.99 4.31
CA ALA A 77 -31.92 22.51 3.38
C ALA A 77 -30.58 21.74 3.47
N THR A 78 -30.20 21.28 4.67
CA THR A 78 -28.98 20.50 4.90
C THR A 78 -29.11 19.15 4.21
N GLN A 79 -30.27 18.56 4.31
CA GLN A 79 -30.53 17.35 3.62
C GLN A 79 -30.55 17.54 2.11
N ALA A 80 -31.17 18.62 1.64
CA ALA A 80 -31.04 18.98 0.23
C ALA A 80 -29.55 19.09 -0.19
N ALA A 81 -28.77 19.79 0.63
CA ALA A 81 -27.31 19.95 0.39
C ALA A 81 -26.66 18.56 0.35
N ARG A 82 -26.95 17.73 1.35
CA ARG A 82 -26.42 16.41 1.34
C ARG A 82 -26.79 15.61 0.09
N LYS A 83 -28.05 15.68 -0.36
CA LYS A 83 -28.51 14.94 -1.54
C LYS A 83 -27.82 15.46 -2.77
N LEU A 84 -27.68 16.78 -2.90
CA LEU A 84 -26.75 17.36 -3.92
C LEU A 84 -25.30 16.81 -3.91
N LEU A 85 -24.73 16.71 -2.71
CA LEU A 85 -23.34 16.34 -2.50
C LEU A 85 -23.18 14.85 -2.62
N SER A 86 -24.27 14.14 -2.79
CA SER A 86 -24.24 12.71 -2.95
C SER A 86 -24.40 12.26 -4.35
N ARG A 87 -24.51 13.20 -5.28
CA ARG A 87 -24.75 12.82 -6.66
C ARG A 87 -23.48 12.89 -7.50
N GLU A 88 -22.46 12.10 -7.17
CA GLU A 88 -21.26 12.12 -8.06
C GLU A 88 -21.13 11.06 -9.15
N LYS A 89 -21.03 11.43 -10.45
CA LYS A 89 -21.64 12.62 -11.17
C LYS A 89 -21.28 14.08 -10.77
N GLN A 90 -19.99 14.33 -10.47
CA GLN A 90 -19.48 15.69 -10.12
C GLN A 90 -20.32 16.52 -9.11
N PRO A 91 -20.31 16.17 -7.80
CA PRO A 91 -21.14 16.91 -6.82
C PRO A 91 -20.65 18.34 -6.71
N PRO A 92 -21.57 19.28 -6.51
CA PRO A 92 -21.24 20.70 -6.49
C PRO A 92 -20.54 21.11 -5.20
N ILE A 93 -19.41 20.49 -4.92
CA ILE A 93 -18.70 20.75 -3.70
C ILE A 93 -18.26 22.23 -3.64
N ASP A 94 -17.74 22.77 -4.74
CA ASP A 94 -17.24 24.19 -4.70
C ASP A 94 -18.34 25.18 -4.58
N ASN A 95 -19.49 24.88 -5.20
CA ASN A 95 -20.71 25.68 -5.04
C ASN A 95 -21.15 25.79 -3.58
N ILE A 96 -21.25 24.64 -2.90
CA ILE A 96 -21.53 24.59 -1.46
C ILE A 96 -20.48 25.34 -0.65
N ILE A 97 -19.21 25.13 -0.97
CA ILE A 97 -18.15 25.87 -0.24
C ILE A 97 -18.32 27.38 -0.46
N ARG A 98 -18.45 27.76 -1.74
CA ARG A 98 -18.52 29.18 -2.12
C ARG A 98 -19.74 29.85 -1.49
N ALA A 99 -20.83 29.11 -1.35
CA ALA A 99 -22.02 29.58 -0.59
C ALA A 99 -21.79 29.84 0.88
N GLY A 100 -20.58 29.55 1.38
CA GLY A 100 -20.35 29.77 2.84
C GLY A 100 -21.06 28.76 3.73
N LEU A 101 -21.45 27.60 3.19
CA LEU A 101 -22.22 26.64 3.96
C LEU A 101 -21.48 25.91 5.07
N ILE A 102 -20.17 25.69 4.90
CA ILE A 102 -19.38 24.86 5.80
C ILE A 102 -19.47 25.20 7.25
N PRO A 103 -19.29 26.49 7.63
CA PRO A 103 -19.42 26.81 9.07
C PRO A 103 -20.82 26.47 9.67
N LYS A 104 -21.85 26.56 8.86
CA LYS A 104 -23.20 26.24 9.28
C LYS A 104 -23.39 24.77 9.48
N PHE A 105 -22.98 23.96 8.50
CA PHE A 105 -22.89 22.51 8.65
C PHE A 105 -22.11 22.09 9.88
N VAL A 106 -20.95 22.70 10.08
CA VAL A 106 -20.14 22.41 11.26
C VAL A 106 -20.89 22.73 12.54
N SER A 107 -21.55 23.91 12.61
CA SER A 107 -22.41 24.21 13.79
C SER A 107 -23.56 23.21 13.99
N PHE A 108 -24.11 22.66 12.92
CA PHE A 108 -25.17 21.67 13.02
C PHE A 108 -24.68 20.32 13.54
N LEU A 109 -23.37 20.09 13.45
CA LEU A 109 -22.68 18.94 14.05
C LEU A 109 -22.90 18.90 15.54
N GLY A 110 -22.95 20.08 16.18
CA GLY A 110 -23.15 20.23 17.60
C GLY A 110 -24.59 20.26 18.04
N LYS A 111 -25.55 20.20 17.13
CA LYS A 111 -26.98 20.16 17.53
C LYS A 111 -27.44 18.80 18.01
N THR A 112 -26.92 18.43 19.18
CA THR A 112 -27.27 17.17 19.89
C THR A 112 -28.77 16.91 19.96
N ASP A 113 -29.49 18.01 20.16
CA ASP A 113 -30.94 18.09 20.24
C ASP A 113 -31.59 17.71 18.91
N CYS A 114 -30.83 17.80 17.82
CA CYS A 114 -31.37 17.50 16.49
C CYS A 114 -30.42 16.54 15.75
N SER A 115 -30.49 15.29 16.17
CA SER A 115 -29.69 14.20 15.64
C SER A 115 -29.73 14.21 14.08
N PRO A 116 -30.90 14.42 13.46
CA PRO A 116 -30.91 14.37 11.98
C PRO A 116 -30.11 15.49 11.26
N ILE A 117 -30.06 16.68 11.82
CA ILE A 117 -29.26 17.69 11.19
C ILE A 117 -27.73 17.45 11.39
N GLN A 118 -27.37 16.90 12.53
CA GLN A 118 -26.08 16.34 12.83
C GLN A 118 -25.66 15.39 11.76
N PHE A 119 -26.54 14.44 11.43
CA PHE A 119 -26.29 13.47 10.42
C PHE A 119 -26.19 13.97 8.97
N GLU A 120 -27.17 14.76 8.57
CA GLU A 120 -27.15 15.41 7.24
C GLU A 120 -25.92 16.31 7.04
N SER A 121 -25.60 17.08 8.08
CA SER A 121 -24.50 17.97 7.96
C SER A 121 -23.20 17.20 7.97
N ALA A 122 -23.13 16.08 8.71
CA ALA A 122 -21.98 15.20 8.79
C ALA A 122 -21.73 14.57 7.44
N TRP A 123 -22.82 14.22 6.80
CA TRP A 123 -22.78 13.58 5.55
C TRP A 123 -22.35 14.57 4.50
N ALA A 124 -22.92 15.78 4.53
CA ALA A 124 -22.56 16.85 3.60
C ALA A 124 -21.08 17.16 3.75
N LEU A 125 -20.62 17.30 5.00
CA LEU A 125 -19.27 17.69 5.26
C LEU A 125 -18.35 16.56 4.89
N THR A 126 -18.74 15.31 5.16
CA THR A 126 -18.05 14.14 4.68
C THR A 126 -17.73 14.24 3.20
N ASN A 127 -18.72 14.64 2.43
CA ASN A 127 -18.61 14.56 0.99
C ASN A 127 -17.79 15.70 0.43
N ILE A 128 -17.92 16.86 1.03
CA ILE A 128 -16.98 17.95 0.76
C ILE A 128 -15.55 17.51 1.07
N ALA A 129 -15.31 16.91 2.24
CA ALA A 129 -13.98 16.49 2.64
C ALA A 129 -13.44 15.38 1.72
N SER A 130 -14.29 14.75 0.93
CA SER A 130 -13.88 13.72 -0.01
C SER A 130 -13.22 14.29 -1.26
N GLY A 131 -13.25 15.63 -1.42
CA GLY A 131 -12.86 16.24 -2.67
C GLY A 131 -11.34 16.42 -2.70
N THR A 132 -10.93 17.52 -3.29
CA THR A 132 -9.53 17.88 -3.38
C THR A 132 -9.06 18.32 -2.00
N SER A 133 -7.75 18.45 -1.84
CA SER A 133 -7.16 19.00 -0.63
C SER A 133 -7.76 20.30 -0.20
N GLU A 134 -7.95 21.18 -1.16
CA GLU A 134 -8.54 22.48 -0.92
C GLU A 134 -9.99 22.32 -0.35
N GLN A 135 -10.73 21.36 -0.86
CA GLN A 135 -12.08 21.02 -0.40
C GLN A 135 -12.07 20.43 1.04
N THR A 136 -11.27 19.40 1.26
CA THR A 136 -11.01 18.92 2.63
C THR A 136 -10.52 20.03 3.58
N LYS A 137 -9.62 20.89 3.07
CA LYS A 137 -9.09 22.00 3.84
C LYS A 137 -10.24 22.90 4.27
N ALA A 138 -11.20 23.15 3.39
CA ALA A 138 -12.42 23.98 3.75
C ALA A 138 -13.19 23.40 4.94
N VAL A 139 -13.34 22.08 4.96
CA VAL A 139 -13.99 21.41 6.02
C VAL A 139 -13.20 21.55 7.33
N VAL A 140 -11.94 21.20 7.30
CA VAL A 140 -11.08 21.37 8.42
C VAL A 140 -11.09 22.82 8.96
N ASP A 141 -10.96 23.78 8.04
CA ASP A 141 -10.94 25.22 8.35
C ASP A 141 -12.17 25.72 9.01
N GLY A 142 -13.34 25.09 8.71
CA GLY A 142 -14.59 25.23 9.46
C GLY A 142 -14.63 24.74 10.91
N GLY A 143 -13.61 24.02 11.41
CA GLY A 143 -13.59 23.53 12.77
C GLY A 143 -14.23 22.13 12.85
N ALA A 144 -14.31 21.44 11.72
CA ALA A 144 -15.03 20.16 11.66
C ALA A 144 -14.32 19.11 12.45
N ILE A 145 -12.99 19.15 12.55
CA ILE A 145 -12.32 18.03 13.20
C ILE A 145 -12.82 17.77 14.61
N PRO A 146 -12.71 18.76 15.54
CA PRO A 146 -13.18 18.50 16.91
C PRO A 146 -14.67 18.19 16.98
N ALA A 147 -15.45 18.80 16.13
CA ALA A 147 -16.89 18.56 16.02
C ALA A 147 -17.17 17.10 15.58
N PHE A 148 -16.47 16.61 14.55
CA PHE A 148 -16.56 15.22 14.21
C PHE A 148 -16.06 14.27 15.28
N ILE A 149 -15.07 14.66 16.04
CA ILE A 149 -14.58 13.78 17.09
C ILE A 149 -15.58 13.73 18.19
N SER A 150 -16.29 14.85 18.47
CA SER A 150 -17.36 14.81 19.41
C SER A 150 -18.48 13.88 18.96
N LEU A 151 -18.82 13.90 17.69
CA LEU A 151 -19.87 13.04 17.16
C LEU A 151 -19.51 11.59 17.21
N LEU A 152 -18.24 11.27 17.42
CA LEU A 152 -17.88 9.87 17.53
C LEU A 152 -18.55 9.22 18.74
N ALA A 153 -18.74 10.02 19.82
CA ALA A 153 -19.46 9.57 21.02
C ALA A 153 -20.99 9.56 20.82
N SER A 154 -21.50 9.95 19.66
CA SER A 154 -22.93 9.98 19.43
C SER A 154 -23.59 8.61 19.69
N PRO A 155 -24.77 8.60 20.38
CA PRO A 155 -25.55 7.38 20.63
C PRO A 155 -26.15 6.80 19.37
N HIS A 156 -26.17 7.58 18.30
CA HIS A 156 -26.70 7.19 17.02
C HIS A 156 -25.57 6.61 16.19
N ALA A 157 -25.71 5.35 15.84
CA ALA A 157 -24.61 4.65 15.26
C ALA A 157 -24.35 5.23 13.85
N HIS A 158 -25.40 5.70 13.21
CA HIS A 158 -25.28 6.20 11.86
C HIS A 158 -24.55 7.55 11.84
N ILE A 159 -24.61 8.27 12.96
CA ILE A 159 -24.00 9.56 13.08
C ILE A 159 -22.53 9.39 13.48
N SER A 160 -22.25 8.48 14.41
CA SER A 160 -20.90 8.25 14.80
C SER A 160 -20.15 7.64 13.62
N GLU A 161 -20.80 6.78 12.83
CA GLU A 161 -20.20 6.24 11.63
C GLU A 161 -19.91 7.31 10.55
N GLN A 162 -20.84 8.23 10.42
CA GLN A 162 -20.63 9.36 9.58
C GLN A 162 -19.41 10.22 10.00
N ALA A 163 -19.24 10.45 11.29
CA ALA A 163 -18.18 11.21 11.87
C ALA A 163 -16.88 10.45 11.62
N VAL A 164 -16.91 9.12 11.74
CA VAL A 164 -15.79 8.26 11.40
C VAL A 164 -15.35 8.42 9.94
N TRP A 165 -16.34 8.37 9.06
CA TRP A 165 -16.14 8.50 7.63
C TRP A 165 -15.52 9.86 7.27
N ALA A 166 -16.07 10.92 7.83
CA ALA A 166 -15.59 12.29 7.64
C ALA A 166 -14.13 12.41 8.07
N LEU A 167 -13.83 11.89 9.26
CA LEU A 167 -12.50 11.92 9.81
C LEU A 167 -11.57 11.09 8.94
N GLY A 168 -12.05 10.01 8.35
CA GLY A 168 -11.24 9.24 7.41
C GLY A 168 -10.96 10.03 6.16
N ASN A 169 -11.94 10.75 5.61
CA ASN A 169 -11.64 11.63 4.48
C ASN A 169 -10.62 12.71 4.79
N ILE A 170 -10.74 13.33 5.98
CA ILE A 170 -9.81 14.34 6.46
C ILE A 170 -8.42 13.77 6.64
N ALA A 171 -8.29 12.67 7.38
CA ALA A 171 -7.02 12.02 7.61
C ALA A 171 -6.47 11.55 6.26
N GLY A 172 -7.36 11.13 5.35
CA GLY A 172 -6.97 10.64 4.01
C GLY A 172 -6.33 11.66 3.11
N ASP A 173 -6.38 12.91 3.53
CA ASP A 173 -5.81 13.91 2.73
C ASP A 173 -4.30 13.85 2.76
N GLY A 174 -3.71 13.40 3.84
CA GLY A 174 -2.28 13.49 3.87
C GLY A 174 -1.87 13.67 5.28
N SER A 175 -0.56 13.65 5.49
CA SER A 175 0.10 13.70 6.77
C SER A 175 -0.38 14.76 7.71
N ALA A 176 -0.58 15.95 7.17
CA ALA A 176 -0.78 17.10 8.02
C ALA A 176 -2.18 17.00 8.64
N PHE A 177 -3.20 16.71 7.81
CA PHE A 177 -4.57 16.53 8.33
C PHE A 177 -4.69 15.25 9.12
N ARG A 178 -3.96 14.21 8.74
CA ARG A 178 -3.90 13.01 9.53
C ARG A 178 -3.42 13.31 10.91
N ASP A 179 -2.27 13.98 10.99
CA ASP A 179 -1.69 14.31 12.27
C ASP A 179 -2.52 15.32 13.03
N LEU A 180 -3.21 16.21 12.32
CA LEU A 180 -4.14 17.15 12.96
C LEU A 180 -5.33 16.42 13.57
N VAL A 181 -5.89 15.48 12.85
CA VAL A 181 -6.95 14.62 13.38
C VAL A 181 -6.49 13.89 14.65
N ILE A 182 -5.25 13.37 14.61
CA ILE A 182 -4.66 12.70 15.73
C ILE A 182 -4.48 13.67 16.92
N LYS A 183 -3.97 14.86 16.67
CA LYS A 183 -3.80 15.88 17.75
C LYS A 183 -5.13 16.26 18.44
N HIS A 184 -6.20 16.36 17.65
CA HIS A 184 -7.50 16.66 18.19
C HIS A 184 -8.07 15.49 18.99
N GLY A 185 -7.38 14.37 19.03
CA GLY A 185 -7.79 13.27 19.89
C GLY A 185 -8.69 12.27 19.21
N ALA A 186 -8.58 12.02 17.91
CA ALA A 186 -9.52 11.10 17.26
C ALA A 186 -9.29 9.65 17.65
N ILE A 187 -8.10 9.27 18.07
CA ILE A 187 -7.77 7.86 18.13
C ILE A 187 -8.48 7.14 19.25
N ASP A 188 -8.47 7.69 20.47
CA ASP A 188 -9.24 7.06 21.56
C ASP A 188 -10.65 6.83 21.25
N PRO A 189 -11.39 7.89 20.87
CA PRO A 189 -12.78 7.56 20.54
C PRO A 189 -12.93 6.63 19.32
N LEU A 190 -12.04 6.69 18.32
CA LEU A 190 -12.14 5.73 17.23
C LEU A 190 -11.97 4.32 17.78
N LEU A 191 -10.97 4.13 18.62
CA LEU A 191 -10.61 2.80 19.12
C LEU A 191 -11.63 2.27 20.05
N ALA A 192 -12.26 3.16 20.78
CA ALA A 192 -13.32 2.84 21.71
C ALA A 192 -14.52 2.28 20.96
N LEU A 193 -14.77 2.76 19.74
CA LEU A 193 -15.84 2.17 18.93
C LEU A 193 -15.65 0.71 18.61
N LEU A 194 -14.39 0.23 18.66
CA LEU A 194 -14.05 -1.17 18.38
C LEU A 194 -13.81 -1.97 19.65
N ALA A 195 -14.00 -1.36 20.83
CA ALA A 195 -13.72 -2.03 22.10
C ALA A 195 -14.95 -2.83 22.53
N VAL A 196 -15.16 -3.88 21.75
CA VAL A 196 -16.27 -4.80 21.89
C VAL A 196 -15.60 -6.20 22.01
N PRO A 197 -16.25 -7.15 22.69
CA PRO A 197 -15.69 -8.51 22.81
C PRO A 197 -15.49 -9.18 21.46
N ASP A 198 -16.41 -8.91 20.54
CA ASP A 198 -16.44 -9.60 19.28
C ASP A 198 -16.88 -8.61 18.19
N LEU A 199 -15.93 -8.30 17.32
CA LEU A 199 -16.13 -7.36 16.19
C LEU A 199 -17.29 -7.78 15.32
N SER A 200 -17.65 -9.08 15.38
CA SER A 200 -18.77 -9.58 14.62
C SER A 200 -20.12 -9.04 15.00
N THR A 201 -20.24 -8.44 16.18
CA THR A 201 -21.50 -7.91 16.61
C THR A 201 -21.73 -6.53 16.05
N LEU A 202 -20.69 -5.94 15.43
CA LEU A 202 -20.77 -4.59 14.90
C LEU A 202 -21.33 -4.72 13.51
N ALA A 203 -22.07 -3.71 13.08
CA ALA A 203 -22.52 -3.64 11.70
C ALA A 203 -21.30 -3.62 10.78
N CYS A 204 -21.43 -4.39 9.73
CA CYS A 204 -20.44 -4.58 8.78
C CYS A 204 -19.94 -3.27 8.13
N GLY A 205 -20.86 -2.44 7.66
CA GLY A 205 -20.47 -1.24 6.92
C GLY A 205 -19.79 -0.31 7.91
N TYR A 206 -20.26 -0.35 9.16
CA TYR A 206 -19.72 0.35 10.29
C TYR A 206 -18.25 -0.03 10.63
N LEU A 207 -18.00 -1.31 10.85
CA LEU A 207 -16.67 -1.85 11.01
C LEU A 207 -15.77 -1.55 9.85
N ARG A 208 -16.28 -1.70 8.64
CA ARG A 208 -15.49 -1.42 7.47
C ARG A 208 -15.03 0.03 7.41
N ASN A 209 -15.90 0.90 7.81
CA ASN A 209 -15.62 2.30 7.87
C ASN A 209 -14.59 2.68 8.91
N LEU A 210 -14.73 2.17 10.13
CA LEU A 210 -13.72 2.36 11.16
C LEU A 210 -12.38 1.87 10.70
N THR A 211 -12.37 0.71 10.03
CA THR A 211 -11.13 0.07 9.64
C THR A 211 -10.43 0.97 8.63
N TRP A 212 -11.21 1.37 7.63
CA TRP A 212 -10.81 2.31 6.68
C TRP A 212 -10.30 3.62 7.24
N THR A 213 -11.02 4.22 8.14
CA THR A 213 -10.52 5.47 8.76
C THR A 213 -9.19 5.28 9.49
N LEU A 214 -9.07 4.15 10.16
CA LEU A 214 -7.97 3.88 11.00
C LEU A 214 -6.84 3.62 10.10
N SER A 215 -7.10 2.97 8.95
CA SER A 215 -6.02 2.80 7.98
C SER A 215 -5.49 4.14 7.44
N ASN A 216 -6.38 5.14 7.27
CA ASN A 216 -5.92 6.43 6.80
C ASN A 216 -5.11 7.16 7.92
N LEU A 217 -5.34 6.83 9.19
CA LEU A 217 -4.51 7.33 10.29
C LEU A 217 -3.15 6.68 10.31
N CYS A 218 -3.03 5.55 9.66
CA CYS A 218 -1.78 4.82 9.47
C CYS A 218 -0.99 5.20 8.24
N ARG A 219 -1.66 5.92 7.36
CA ARG A 219 -1.19 6.17 6.04
C ARG A 219 -0.38 7.44 5.93
N ASN A 220 0.43 7.48 4.86
CA ASN A 220 1.22 8.57 4.37
C ASN A 220 2.55 8.66 5.12
N LYS A 221 3.47 9.36 4.51
CA LYS A 221 4.84 9.21 4.91
C LYS A 221 5.66 10.43 5.01
N ASN A 222 5.25 11.60 4.66
CA ASN A 222 6.39 12.52 5.02
C ASN A 222 5.85 13.67 5.89
N PRO A 223 5.73 13.47 7.21
CA PRO A 223 6.21 12.31 8.02
C PRO A 223 5.26 11.10 8.14
N ALA A 224 5.79 10.01 8.65
CA ALA A 224 4.94 8.87 9.01
C ALA A 224 4.11 9.23 10.26
N PRO A 225 3.03 8.45 10.57
CA PRO A 225 2.19 8.91 11.66
C PRO A 225 3.01 8.93 12.92
N PRO A 226 2.54 9.65 13.94
CA PRO A 226 3.31 9.58 15.21
C PRO A 226 3.52 8.20 15.77
N LEU A 227 4.73 7.90 16.20
CA LEU A 227 5.00 6.59 16.77
C LEU A 227 4.02 6.15 17.83
N ASP A 228 3.59 7.07 18.68
CA ASP A 228 2.68 6.75 19.75
C ASP A 228 1.27 6.54 19.27
N ALA A 229 0.88 7.20 18.19
CA ALA A 229 -0.41 6.94 17.57
C ALA A 229 -0.41 5.52 16.93
N VAL A 230 0.70 5.16 16.30
CA VAL A 230 0.91 3.85 15.68
C VAL A 230 0.84 2.74 16.73
N GLU A 231 1.50 2.94 17.86
CA GLU A 231 1.43 2.04 18.99
C GLU A 231 0.04 1.94 19.57
N GLN A 232 -0.67 3.06 19.62
CA GLN A 232 -2.00 3.04 20.19
C GLN A 232 -2.96 2.22 19.29
N ILE A 233 -2.80 2.37 17.97
CA ILE A 233 -3.66 1.80 16.96
C ILE A 233 -3.37 0.32 16.64
N LEU A 234 -2.10 -0.05 16.69
CA LEU A 234 -1.63 -1.39 16.27
C LEU A 234 -2.38 -2.58 16.86
N PRO A 235 -2.60 -2.61 18.19
CA PRO A 235 -3.40 -3.68 18.78
C PRO A 235 -4.79 -3.88 18.19
N THR A 236 -5.46 -2.79 17.78
CA THR A 236 -6.79 -2.86 17.21
C THR A 236 -6.62 -3.31 15.79
N LEU A 237 -5.59 -2.80 15.13
CA LEU A 237 -5.27 -3.27 13.78
C LEU A 237 -4.99 -4.78 13.72
N VAL A 238 -4.29 -5.31 14.72
CA VAL A 238 -3.95 -6.70 14.73
C VAL A 238 -5.23 -7.51 14.83
N ARG A 239 -6.16 -7.04 15.65
CA ARG A 239 -7.43 -7.62 15.77
C ARG A 239 -8.31 -7.57 14.52
N LEU A 240 -8.34 -6.42 13.85
CA LEU A 240 -9.05 -6.31 12.56
C LEU A 240 -8.45 -7.24 11.51
N LEU A 241 -7.14 -7.48 11.61
CA LEU A 241 -6.53 -8.43 10.73
C LEU A 241 -6.98 -9.85 10.86
N HIS A 242 -7.57 -10.21 12.02
CA HIS A 242 -8.18 -11.53 12.20
C HIS A 242 -9.66 -11.50 12.00
N HIS A 243 -10.18 -10.38 11.56
CA HIS A 243 -11.60 -10.33 11.39
C HIS A 243 -11.99 -10.96 10.02
N ASN A 244 -13.10 -11.65 9.96
CA ASN A 244 -13.49 -12.41 8.77
C ASN A 244 -14.35 -11.51 7.88
N ASP A 245 -13.87 -10.37 7.45
CA ASP A 245 -14.60 -9.61 6.45
C ASP A 245 -13.56 -9.17 5.47
N PRO A 246 -13.77 -9.47 4.19
CA PRO A 246 -12.72 -9.20 3.19
C PRO A 246 -12.33 -7.73 3.08
N GLU A 247 -13.30 -6.84 3.22
CA GLU A 247 -12.96 -5.45 3.21
C GLU A 247 -12.22 -5.00 4.45
N VAL A 248 -12.62 -5.44 5.64
CA VAL A 248 -11.90 -5.13 6.86
C VAL A 248 -10.47 -5.66 6.76
N LEU A 249 -10.32 -6.87 6.20
CA LEU A 249 -9.00 -7.45 5.90
C LEU A 249 -8.15 -6.70 4.90
N ALA A 250 -8.73 -6.38 3.75
CA ALA A 250 -8.05 -5.53 2.80
C ALA A 250 -7.51 -4.25 3.47
N ASP A 251 -8.36 -3.53 4.21
CA ASP A 251 -7.95 -2.28 4.80
C ASP A 251 -7.00 -2.39 5.96
N SER A 252 -7.11 -3.47 6.75
CA SER A 252 -6.17 -3.80 7.79
C SER A 252 -4.80 -4.08 7.22
N CYS A 253 -4.75 -4.87 6.14
CA CYS A 253 -3.51 -5.11 5.44
C CYS A 253 -2.94 -3.86 4.85
N TRP A 254 -3.82 -2.99 4.33
CA TRP A 254 -3.32 -1.74 3.83
C TRP A 254 -2.75 -0.95 4.99
N ALA A 255 -3.45 -0.85 6.11
CA ALA A 255 -2.92 -0.11 7.26
C ALA A 255 -1.51 -0.65 7.65
N ILE A 256 -1.39 -1.98 7.67
CA ILE A 256 -0.16 -2.68 8.01
C ILE A 256 0.91 -2.40 6.97
N SER A 257 0.54 -2.44 5.69
CA SER A 257 1.43 -2.01 4.66
C SER A 257 1.96 -0.56 4.78
N TYR A 258 1.11 0.36 5.13
CA TYR A 258 1.58 1.69 5.38
C TYR A 258 2.55 1.73 6.56
N LEU A 259 2.27 0.96 7.60
CA LEU A 259 3.08 1.00 8.80
C LEU A 259 4.49 0.38 8.62
N THR A 260 4.59 -0.56 7.67
CA THR A 260 5.83 -1.23 7.32
C THR A 260 6.59 -0.52 6.19
N ASP A 261 5.99 0.50 5.57
CA ASP A 261 6.65 1.28 4.58
C ASP A 261 7.42 2.41 5.30
N GLY A 262 8.61 2.09 5.74
CA GLY A 262 9.33 3.02 6.56
C GLY A 262 10.65 2.40 6.92
N PRO A 263 11.33 3.01 7.92
CA PRO A 263 12.58 2.48 8.44
C PRO A 263 12.36 1.26 9.31
N ASN A 264 13.43 0.56 9.60
CA ASN A 264 13.31 -0.74 10.24
C ASN A 264 12.59 -0.72 11.56
N GLU A 265 12.66 0.42 12.25
CA GLU A 265 12.04 0.62 13.57
C GLU A 265 10.54 0.62 13.44
N ARG A 266 10.05 1.17 12.33
CA ARG A 266 8.66 1.11 11.99
C ARG A 266 8.27 -0.30 11.65
N ILE A 267 9.05 -0.97 10.78
CA ILE A 267 8.80 -2.38 10.43
C ILE A 267 8.71 -3.18 11.74
N GLU A 268 9.69 -2.96 12.62
CA GLU A 268 9.77 -3.65 13.90
C GLU A 268 8.54 -3.51 14.78
N MET A 269 8.00 -2.31 14.91
CA MET A 269 6.78 -2.11 15.68
C MET A 269 5.66 -3.07 15.32
N VAL A 270 5.52 -3.28 14.02
CA VAL A 270 4.53 -4.19 13.42
C VAL A 270 4.99 -5.63 13.58
N VAL A 271 6.20 -5.95 13.17
CA VAL A 271 6.70 -7.31 13.29
C VAL A 271 6.56 -7.81 14.74
N LYS A 272 6.91 -6.94 15.71
CA LYS A 272 6.76 -7.28 17.16
C LYS A 272 5.32 -7.64 17.60
N LYS A 273 4.30 -7.09 16.94
CA LYS A 273 2.91 -7.47 17.27
C LYS A 273 2.57 -8.90 16.84
N GLY A 274 3.53 -9.56 16.19
CA GLY A 274 3.35 -10.95 15.82
C GLY A 274 2.41 -11.17 14.64
N VAL A 275 2.24 -10.11 13.81
CA VAL A 275 1.32 -10.13 12.65
C VAL A 275 1.76 -10.91 11.44
N VAL A 276 3.04 -11.24 11.35
CA VAL A 276 3.61 -11.74 10.09
C VAL A 276 2.91 -13.06 9.64
N PRO A 277 2.74 -14.04 10.55
CA PRO A 277 1.94 -15.21 10.13
C PRO A 277 0.55 -14.89 9.59
N GLN A 278 -0.15 -13.94 10.20
CA GLN A 278 -1.48 -13.60 9.72
C GLN A 278 -1.36 -12.96 8.36
N LEU A 279 -0.37 -12.08 8.20
CA LEU A 279 -0.10 -11.50 6.86
C LEU A 279 0.16 -12.56 5.79
N VAL A 280 0.96 -13.56 6.17
CA VAL A 280 1.29 -14.64 5.29
C VAL A 280 0.05 -15.44 4.93
N LYS A 281 -0.80 -15.71 5.88
CA LYS A 281 -2.08 -16.32 5.57
C LYS A 281 -2.92 -15.48 4.58
N LEU A 282 -2.91 -14.16 4.75
CA LEU A 282 -3.75 -13.27 3.94
C LEU A 282 -3.22 -13.22 2.54
N LEU A 283 -1.95 -13.53 2.45
CA LEU A 283 -1.19 -13.56 1.23
C LEU A 283 -1.66 -14.72 0.38
N GLY A 284 -2.11 -15.78 1.08
CA GLY A 284 -2.72 -16.92 0.45
C GLY A 284 -4.19 -16.77 0.12
N ALA A 285 -4.83 -15.69 0.56
CA ALA A 285 -6.25 -15.43 0.28
C ALA A 285 -6.63 -15.45 -1.20
N THR A 286 -7.90 -15.73 -1.45
CA THR A 286 -8.30 -15.83 -2.83
C THR A 286 -8.67 -14.43 -3.36
N GLU A 287 -8.99 -13.50 -2.46
CA GLU A 287 -9.35 -12.14 -2.83
C GLU A 287 -8.09 -11.32 -3.07
N LEU A 288 -7.97 -10.89 -4.32
CA LEU A 288 -6.94 -10.04 -4.77
C LEU A 288 -6.82 -8.73 -3.97
N PRO A 289 -7.97 -8.13 -3.57
CA PRO A 289 -7.94 -7.00 -2.62
C PRO A 289 -7.34 -7.26 -1.24
N ILE A 290 -7.20 -8.52 -0.86
CA ILE A 290 -6.54 -8.86 0.39
C ILE A 290 -5.09 -9.19 0.06
N VAL A 291 -4.86 -9.90 -1.05
CA VAL A 291 -3.52 -10.34 -1.46
C VAL A 291 -2.70 -9.13 -1.80
N THR A 292 -3.32 -8.14 -2.44
CA THR A 292 -2.52 -7.02 -2.81
C THR A 292 -1.85 -6.32 -1.61
N PRO A 293 -2.60 -5.85 -0.62
CA PRO A 293 -1.92 -5.28 0.55
C PRO A 293 -1.14 -6.21 1.48
N ALA A 294 -1.49 -7.49 1.59
CA ALA A 294 -0.74 -8.46 2.41
C ALA A 294 0.65 -8.61 1.80
N LEU A 295 0.71 -8.62 0.49
CA LEU A 295 1.96 -8.71 -0.20
C LEU A 295 2.76 -7.42 -0.15
N ARG A 296 2.10 -6.26 -0.28
CA ARG A 296 2.77 -5.02 -0.05
C ARG A 296 3.39 -5.03 1.34
N ALA A 297 2.65 -5.50 2.35
CA ALA A 297 3.11 -5.43 3.72
C ALA A 297 4.31 -6.36 3.84
N ILE A 298 4.18 -7.57 3.30
CA ILE A 298 5.24 -8.55 3.37
C ILE A 298 6.52 -8.05 2.69
N GLY A 299 6.35 -7.48 1.49
CA GLY A 299 7.35 -6.82 0.76
C GLY A 299 8.05 -5.72 1.52
N ASN A 300 7.30 -4.92 2.27
CA ASN A 300 7.85 -3.84 3.02
C ASN A 300 8.67 -4.44 4.16
N ILE A 301 8.12 -5.45 4.84
CA ILE A 301 8.82 -6.10 5.92
C ILE A 301 10.21 -6.65 5.53
N VAL A 302 10.32 -7.21 4.32
CA VAL A 302 11.59 -7.79 3.86
C VAL A 302 12.56 -6.75 3.36
N THR A 303 12.15 -5.47 3.24
CA THR A 303 13.15 -4.42 3.00
C THR A 303 13.83 -4.06 4.33
N GLY A 304 13.39 -4.69 5.40
CA GLY A 304 13.91 -4.46 6.74
C GLY A 304 15.19 -5.23 6.96
N THR A 305 15.38 -5.69 8.18
CA THR A 305 16.61 -6.35 8.52
C THR A 305 16.44 -7.79 8.11
N ASP A 306 17.56 -8.50 7.98
CA ASP A 306 17.56 -9.94 7.74
C ASP A 306 16.77 -10.70 8.77
N GLU A 307 16.74 -10.21 10.00
CA GLU A 307 15.93 -10.81 11.08
C GLU A 307 14.43 -10.60 10.89
N GLN A 308 14.04 -9.41 10.45
CA GLN A 308 12.63 -9.14 10.06
C GLN A 308 12.23 -9.97 8.81
N THR A 309 13.10 -10.02 7.81
CA THR A 309 12.94 -10.90 6.66
C THR A 309 12.76 -12.36 7.06
N GLN A 310 13.51 -12.81 8.06
CA GLN A 310 13.44 -14.20 8.52
C GLN A 310 12.13 -14.55 9.13
N LYS A 311 11.50 -13.58 9.78
CA LYS A 311 10.16 -13.72 10.34
C LYS A 311 9.18 -14.06 9.24
N VAL A 312 9.31 -13.39 8.08
CA VAL A 312 8.46 -13.73 6.96
C VAL A 312 8.73 -15.12 6.36
N ILE A 313 10.00 -15.49 6.22
CA ILE A 313 10.38 -16.83 5.88
C ILE A 313 9.85 -17.85 6.89
N ASP A 314 10.10 -17.62 8.17
CA ASP A 314 9.59 -18.56 9.19
C ASP A 314 8.09 -18.68 9.21
N ALA A 315 7.40 -17.60 8.80
CA ALA A 315 5.92 -17.66 8.77
C ALA A 315 5.41 -18.50 7.59
N GLY A 316 6.30 -18.88 6.66
CA GLY A 316 5.96 -19.83 5.58
C GLY A 316 5.61 -19.11 4.30
N ALA A 317 6.09 -17.87 4.12
CA ALA A 317 5.70 -16.98 3.02
C ALA A 317 6.16 -17.50 1.71
N LEU A 318 7.33 -18.12 1.73
CA LEU A 318 7.93 -18.56 0.52
C LEU A 318 7.07 -19.62 -0.16
N ALA A 319 6.32 -20.45 0.57
CA ALA A 319 5.42 -21.46 -0.04
C ALA A 319 4.29 -20.90 -0.91
N VAL A 320 4.05 -19.60 -0.85
CA VAL A 320 2.98 -18.93 -1.56
C VAL A 320 3.49 -18.33 -2.88
N PHE A 321 4.79 -18.16 -2.98
CA PHE A 321 5.39 -17.50 -4.10
C PHE A 321 5.32 -18.19 -5.44
N PRO A 322 5.33 -19.56 -5.47
CA PRO A 322 5.00 -20.13 -6.78
C PRO A 322 3.76 -19.52 -7.42
N SER A 323 2.69 -19.40 -6.64
CA SER A 323 1.48 -18.70 -7.05
C SER A 323 1.66 -17.26 -7.38
N LEU A 324 2.19 -16.52 -6.44
CA LEU A 324 2.36 -15.08 -6.57
C LEU A 324 3.18 -14.76 -7.74
N LEU A 325 4.22 -15.58 -7.95
CA LEU A 325 5.17 -15.31 -9.05
C LEU A 325 4.62 -15.67 -10.41
N THR A 326 3.52 -16.41 -10.42
CA THR A 326 2.85 -16.68 -11.67
C THR A 326 1.46 -16.06 -11.67
N ASN A 327 1.20 -15.20 -10.68
CA ASN A 327 -0.12 -14.60 -10.55
C ASN A 327 -0.52 -13.89 -11.85
N PRO A 328 -1.76 -14.11 -12.33
CA PRO A 328 -2.23 -13.40 -13.53
C PRO A 328 -2.34 -11.87 -13.42
N LYS A 329 -2.47 -11.35 -12.21
CA LYS A 329 -2.41 -9.90 -11.99
C LYS A 329 -0.97 -9.46 -11.97
N THR A 330 -0.58 -8.64 -12.95
CA THR A 330 0.82 -8.28 -13.10
C THR A 330 1.42 -7.48 -11.90
N ASN A 331 0.61 -6.63 -11.25
CA ASN A 331 0.94 -5.96 -9.97
C ASN A 331 1.43 -6.95 -8.89
N ILE A 332 0.77 -8.10 -8.76
CA ILE A 332 1.10 -9.09 -7.72
C ILE A 332 2.41 -9.76 -8.11
N GLN A 333 2.53 -10.02 -9.40
CA GLN A 333 3.71 -10.64 -9.93
C GLN A 333 4.92 -9.70 -9.77
N LYS A 334 4.75 -8.43 -10.12
CA LYS A 334 5.76 -7.43 -9.87
C LYS A 334 6.16 -7.30 -8.39
N GLU A 335 5.16 -7.17 -7.54
CA GLU A 335 5.44 -7.02 -6.14
C GLU A 335 5.96 -8.26 -5.45
N ALA A 336 5.57 -9.44 -5.94
CA ALA A 336 6.11 -10.70 -5.44
C ALA A 336 7.60 -10.83 -5.86
N THR A 337 7.92 -10.34 -7.05
CA THR A 337 9.27 -10.40 -7.54
C THR A 337 10.17 -9.41 -6.81
N TRP A 338 9.61 -8.23 -6.56
CA TRP A 338 10.23 -7.22 -5.72
C TRP A 338 10.45 -7.80 -4.33
N THR A 339 9.45 -8.40 -3.74
CA THR A 339 9.61 -9.06 -2.45
C THR A 339 10.75 -10.10 -2.48
N MET A 340 10.75 -10.92 -3.52
CA MET A 340 11.80 -11.89 -3.83
C MET A 340 13.20 -11.31 -3.82
N SER A 341 13.36 -10.16 -4.49
CA SER A 341 14.60 -9.41 -4.58
C SER A 341 15.17 -8.95 -3.25
N ASN A 342 14.30 -8.70 -2.27
CA ASN A 342 14.70 -8.28 -0.93
C ASN A 342 14.87 -9.43 0.00
N ILE A 343 14.52 -10.63 -0.46
CA ILE A 343 14.85 -11.84 0.23
C ILE A 343 16.14 -12.39 -0.36
N THR A 344 16.36 -12.20 -1.62
CA THR A 344 17.62 -12.68 -2.17
C THR A 344 18.80 -11.74 -1.83
N ALA A 345 18.49 -10.50 -1.41
CA ALA A 345 19.42 -9.53 -0.82
C ALA A 345 19.80 -9.91 0.60
N GLY A 346 19.20 -10.98 1.14
CA GLY A 346 19.48 -11.41 2.49
C GLY A 346 20.66 -12.35 2.62
N ARG A 347 20.65 -13.06 3.73
CA ARG A 347 21.70 -13.99 4.04
C ARG A 347 21.63 -15.20 3.12
N GLN A 348 22.78 -15.80 2.90
CA GLN A 348 22.89 -17.08 2.24
C GLN A 348 21.94 -18.14 2.73
N ASP A 349 21.72 -18.26 4.03
CA ASP A 349 20.72 -19.23 4.52
C ASP A 349 19.29 -18.85 4.08
N GLN A 350 19.09 -17.57 3.75
CA GLN A 350 17.81 -17.05 3.27
C GLN A 350 17.70 -17.24 1.77
N ILE A 351 18.77 -16.95 1.05
CA ILE A 351 18.88 -17.40 -0.31
C ILE A 351 18.60 -18.94 -0.39
N GLN A 352 19.06 -19.69 0.61
CA GLN A 352 18.95 -21.13 0.56
C GLN A 352 17.50 -21.56 0.63
N GLN A 353 16.75 -20.90 1.51
CA GLN A 353 15.32 -21.07 1.62
C GLN A 353 14.61 -20.75 0.30
N VAL A 354 15.07 -19.71 -0.40
CA VAL A 354 14.53 -19.39 -1.70
C VAL A 354 14.76 -20.58 -2.64
N VAL A 355 15.96 -21.12 -2.62
CA VAL A 355 16.34 -22.26 -3.39
C VAL A 355 15.49 -23.47 -3.05
N ASN A 356 15.34 -23.74 -1.75
CA ASN A 356 14.68 -24.91 -1.25
C ASN A 356 13.21 -24.92 -1.55
N HIS A 357 12.63 -23.73 -1.65
CA HIS A 357 11.21 -23.59 -1.87
C HIS A 357 10.89 -23.71 -3.32
N GLY A 358 11.93 -23.82 -4.14
CA GLY A 358 11.78 -24.09 -5.55
C GLY A 358 11.60 -22.82 -6.34
N LEU A 359 12.14 -21.70 -5.85
CA LEU A 359 11.67 -20.41 -6.29
C LEU A 359 12.52 -19.87 -7.35
N VAL A 360 13.69 -20.51 -7.53
CA VAL A 360 14.62 -20.02 -8.53
C VAL A 360 14.04 -20.25 -9.93
N PRO A 361 13.49 -21.46 -10.19
CA PRO A 361 12.79 -21.63 -11.47
C PRO A 361 11.71 -20.61 -11.72
N PHE A 362 11.03 -20.18 -10.66
CA PHE A 362 9.98 -19.15 -10.78
C PHE A 362 10.57 -17.81 -11.08
N LEU A 363 11.73 -17.53 -10.50
CA LEU A 363 12.49 -16.30 -10.90
C LEU A 363 12.96 -16.37 -12.35
N VAL A 364 13.42 -17.54 -12.76
CA VAL A 364 13.79 -17.70 -14.17
C VAL A 364 12.60 -17.49 -15.09
N GLY A 365 11.43 -18.02 -14.69
CA GLY A 365 10.24 -17.89 -15.50
C GLY A 365 9.81 -16.43 -15.58
N VAL A 366 9.77 -15.72 -14.46
CA VAL A 366 9.54 -14.25 -14.48
C VAL A 366 10.56 -13.45 -15.32
N LEU A 367 11.83 -13.81 -15.20
CA LEU A 367 12.83 -13.23 -16.02
C LEU A 367 12.61 -13.51 -17.52
N SER A 368 12.16 -14.73 -17.85
CA SER A 368 11.86 -15.10 -19.23
C SER A 368 10.63 -14.40 -19.84
N LYS A 369 9.58 -14.26 -19.05
CA LYS A 369 8.31 -13.75 -19.54
C LYS A 369 7.55 -13.19 -18.40
N ALA A 370 7.43 -11.87 -18.41
CA ALA A 370 6.66 -11.17 -17.44
C ALA A 370 6.49 -9.80 -18.06
N ASP A 371 5.60 -9.01 -17.51
CA ASP A 371 5.58 -7.62 -17.77
C ASP A 371 6.97 -7.08 -17.48
N PHE A 372 7.43 -6.09 -18.29
CA PHE A 372 8.78 -5.54 -18.17
C PHE A 372 9.18 -5.14 -16.76
N LYS A 373 8.24 -4.50 -16.06
CA LYS A 373 8.54 -4.04 -14.70
C LYS A 373 8.84 -5.19 -13.73
N THR A 374 8.16 -6.32 -13.93
CA THR A 374 8.37 -7.53 -13.15
C THR A 374 9.74 -8.14 -13.55
N GLN A 375 10.09 -8.11 -14.84
CA GLN A 375 11.35 -8.67 -15.33
C GLN A 375 12.50 -7.92 -14.73
N LYS A 376 12.30 -6.62 -14.55
CA LYS A 376 13.27 -5.73 -13.91
C LYS A 376 13.44 -6.03 -12.40
N GLU A 377 12.35 -6.34 -11.70
CA GLU A 377 12.45 -6.84 -10.30
C GLU A 377 13.11 -8.18 -10.23
N ALA A 378 12.88 -9.04 -11.25
CA ALA A 378 13.53 -10.34 -11.32
C ALA A 378 15.04 -10.16 -11.51
N ALA A 379 15.42 -9.22 -12.35
CA ALA A 379 16.81 -8.86 -12.59
C ALA A 379 17.46 -8.44 -11.31
N TRP A 380 16.82 -7.50 -10.59
CA TRP A 380 17.19 -7.22 -9.20
C TRP A 380 17.30 -8.43 -8.32
N ALA A 381 16.27 -9.26 -8.26
CA ALA A 381 16.34 -10.47 -7.43
C ALA A 381 17.58 -11.33 -7.74
N ILE A 382 17.95 -11.38 -9.00
CA ILE A 382 19.09 -12.20 -9.47
C ILE A 382 20.47 -11.61 -9.12
N THR A 383 20.64 -10.32 -9.38
CA THR A 383 21.79 -9.58 -8.89
C THR A 383 21.97 -9.69 -7.40
N ASN A 384 20.89 -9.58 -6.65
CA ASN A 384 21.04 -9.66 -5.22
C ASN A 384 21.41 -11.07 -4.88
N TYR A 385 20.84 -12.03 -5.58
CA TYR A 385 21.10 -13.44 -5.27
C TYR A 385 22.62 -13.71 -5.58
N THR A 386 23.08 -13.20 -6.71
CA THR A 386 24.43 -13.45 -7.17
C THR A 386 25.48 -12.67 -6.38
N SER A 387 25.15 -11.42 -6.01
CA SER A 387 26.00 -10.65 -5.10
C SER A 387 26.10 -11.31 -3.72
N GLY A 388 25.05 -11.92 -3.21
CA GLY A 388 25.14 -12.52 -1.87
C GLY A 388 25.23 -14.03 -1.71
N GLY A 389 24.95 -14.77 -2.78
CA GLY A 389 24.94 -16.24 -2.67
C GLY A 389 26.31 -16.90 -2.62
N THR A 390 26.34 -18.11 -2.06
CA THR A 390 27.48 -19.00 -2.18
C THR A 390 27.65 -19.36 -3.64
N VAL A 391 28.82 -19.92 -3.93
CA VAL A 391 29.15 -20.36 -5.29
C VAL A 391 28.19 -21.42 -5.74
N GLU A 392 27.90 -22.35 -4.85
CA GLU A 392 26.98 -23.42 -5.14
C GLU A 392 25.51 -22.96 -5.48
N GLN A 393 24.98 -21.95 -4.75
CA GLN A 393 23.73 -21.25 -5.05
C GLN A 393 23.77 -20.56 -6.39
N ILE A 394 24.92 -20.01 -6.73
CA ILE A 394 25.02 -19.29 -8.00
C ILE A 394 25.10 -20.24 -9.22
N VAL A 395 25.69 -21.40 -8.98
CA VAL A 395 25.87 -22.47 -9.96
C VAL A 395 24.47 -23.03 -10.23
N TYR A 396 23.80 -23.39 -9.14
CA TYR A 396 22.39 -23.70 -9.08
C TYR A 396 21.49 -22.79 -9.93
N LEU A 397 21.65 -21.49 -9.71
CA LEU A 397 20.93 -20.49 -10.47
C LEU A 397 21.14 -20.64 -11.97
N VAL A 398 22.38 -20.93 -12.34
CA VAL A 398 22.76 -21.17 -13.74
C VAL A 398 22.18 -22.49 -14.25
N HIS A 399 22.30 -23.57 -13.48
CA HIS A 399 21.61 -24.80 -13.82
C HIS A 399 20.09 -24.69 -14.02
N CYS A 400 19.47 -23.67 -13.43
CA CYS A 400 18.05 -23.43 -13.61
C CYS A 400 17.70 -22.68 -14.86
N GLY A 401 18.70 -22.10 -15.50
CA GLY A 401 18.57 -21.48 -16.77
C GLY A 401 18.55 -19.99 -16.73
N ILE A 402 19.19 -19.41 -15.73
CA ILE A 402 19.23 -17.97 -15.63
C ILE A 402 19.81 -17.21 -16.84
N ILE A 403 20.77 -17.80 -17.53
CA ILE A 403 21.63 -17.08 -18.46
C ILE A 403 20.91 -16.58 -19.68
N GLU A 404 20.21 -17.47 -20.37
CA GLU A 404 19.56 -17.03 -21.56
C GLU A 404 18.49 -15.96 -21.26
N PRO A 405 17.57 -16.18 -20.25
CA PRO A 405 16.68 -15.00 -20.03
C PRO A 405 17.39 -13.67 -19.59
N LEU A 406 18.50 -13.77 -18.87
CA LEU A 406 19.28 -12.61 -18.40
C LEU A 406 19.86 -11.86 -19.58
N MET A 407 20.46 -12.61 -20.52
CA MET A 407 20.95 -12.13 -21.80
C MET A 407 19.89 -11.55 -22.72
N ASN A 408 18.74 -12.21 -22.81
CA ASN A 408 17.61 -11.64 -23.57
C ASN A 408 17.19 -10.26 -23.10
N LEU A 409 17.41 -9.98 -21.81
CA LEU A 409 17.05 -8.69 -21.22
C LEU A 409 18.09 -7.56 -21.44
N LEU A 410 19.28 -7.92 -21.88
CA LEU A 410 20.26 -6.92 -22.28
C LEU A 410 19.76 -6.14 -23.51
N SER A 411 18.76 -6.67 -24.21
CA SER A 411 18.15 -5.98 -25.34
C SER A 411 17.15 -4.90 -24.97
N ALA A 412 17.05 -4.61 -23.68
CA ALA A 412 16.03 -3.69 -23.20
C ALA A 412 16.55 -2.26 -23.23
N LYS A 413 15.70 -1.36 -23.70
CA LYS A 413 16.00 0.08 -23.73
C LYS A 413 15.67 0.61 -22.34
N ASP A 414 16.49 0.24 -21.37
CA ASP A 414 16.32 0.68 -19.99
C ASP A 414 17.67 0.55 -19.36
N THR A 415 18.23 1.68 -18.95
CA THR A 415 19.64 1.65 -18.58
C THR A 415 19.91 0.97 -17.24
N LYS A 416 19.03 1.13 -16.23
CA LYS A 416 19.24 0.44 -14.93
C LYS A 416 19.15 -1.09 -15.01
N ILE A 417 18.28 -1.65 -15.86
CA ILE A 417 18.21 -3.12 -15.96
C ILE A 417 19.49 -3.72 -16.58
N ILE A 418 20.07 -3.01 -17.57
CA ILE A 418 21.34 -3.44 -18.15
C ILE A 418 22.47 -3.51 -17.09
N GLN A 419 22.55 -2.49 -16.26
CA GLN A 419 23.56 -2.44 -15.23
C GLN A 419 23.34 -3.51 -14.19
N VAL A 420 22.06 -3.79 -13.88
CA VAL A 420 21.70 -4.84 -12.94
C VAL A 420 22.09 -6.22 -13.54
N ILE A 421 21.79 -6.40 -14.82
CA ILE A 421 22.15 -7.63 -15.50
C ILE A 421 23.67 -7.89 -15.62
N LEU A 422 24.39 -6.95 -16.26
CA LEU A 422 25.86 -6.96 -16.31
C LEU A 422 26.48 -7.23 -14.96
N ASP A 423 25.88 -6.66 -13.94
CA ASP A 423 26.34 -6.86 -12.59
C ASP A 423 26.07 -8.26 -12.07
N ALA A 424 24.92 -8.82 -12.48
CA ALA A 424 24.64 -10.21 -12.17
C ALA A 424 25.60 -11.16 -12.93
N ILE A 425 25.82 -10.88 -14.21
CA ILE A 425 26.79 -11.61 -15.05
C ILE A 425 28.19 -11.63 -14.42
N SER A 426 28.64 -10.46 -13.95
CA SER A 426 29.93 -10.37 -13.31
C SER A 426 29.96 -11.25 -12.09
N ASN A 427 28.94 -11.13 -11.27
CA ASN A 427 28.83 -11.97 -10.10
C ASN A 427 28.87 -13.44 -10.41
N ILE A 428 28.31 -13.81 -11.56
CA ILE A 428 28.23 -15.21 -11.97
C ILE A 428 29.60 -15.65 -12.47
N PHE A 429 30.23 -14.81 -13.30
CA PHE A 429 31.64 -15.01 -13.70
C PHE A 429 32.59 -15.15 -12.56
N GLN A 430 32.40 -14.31 -11.55
CA GLN A 430 33.17 -14.41 -10.32
C GLN A 430 33.01 -15.74 -9.61
N ALA A 431 31.82 -16.32 -9.68
CA ALA A 431 31.60 -17.62 -9.06
C ALA A 431 32.25 -18.70 -9.95
N ALA A 432 32.19 -18.49 -11.28
CA ALA A 432 32.75 -19.39 -12.25
C ALA A 432 34.29 -19.39 -12.17
N GLU A 433 34.91 -18.21 -12.03
CA GLU A 433 36.32 -18.11 -11.59
C GLU A 433 36.71 -18.96 -10.36
N LYS A 434 35.97 -18.88 -9.26
CA LYS A 434 36.24 -19.71 -8.08
C LYS A 434 36.24 -21.20 -8.38
N LEU A 435 35.75 -21.58 -9.56
CA LEU A 435 35.64 -23.01 -9.95
C LEU A 435 36.43 -23.36 -11.23
N GLY A 436 37.03 -22.34 -11.86
CA GLY A 436 37.64 -22.43 -13.17
C GLY A 436 36.64 -22.89 -14.20
N GLU A 437 35.50 -22.20 -14.26
CA GLU A 437 34.44 -22.53 -15.20
C GLU A 437 34.07 -21.32 -16.03
N THR A 438 34.95 -20.34 -16.01
CA THR A 438 34.76 -19.11 -16.76
C THR A 438 34.57 -19.36 -18.27
N GLU A 439 35.33 -20.33 -18.81
CA GLU A 439 35.18 -20.77 -20.20
C GLU A 439 33.79 -21.40 -20.46
N LYS A 440 33.39 -22.38 -19.63
CA LYS A 440 32.07 -23.03 -19.81
C LYS A 440 30.91 -22.02 -19.80
N LEU A 441 30.99 -21.04 -18.90
CA LEU A 441 30.02 -19.95 -18.82
C LEU A 441 30.07 -18.97 -19.99
N SER A 442 31.29 -18.62 -20.44
CA SER A 442 31.51 -17.74 -21.61
C SER A 442 30.86 -18.29 -22.86
N ILE A 443 30.99 -19.61 -23.05
CA ILE A 443 30.36 -20.32 -24.17
C ILE A 443 28.84 -20.24 -24.06
N MET A 444 28.31 -20.61 -22.87
CA MET A 444 26.87 -20.49 -22.59
C MET A 444 26.32 -19.12 -22.97
N ILE A 445 27.02 -18.06 -22.53
CA ILE A 445 26.59 -16.69 -22.77
C ILE A 445 26.67 -16.40 -24.26
N GLU A 446 27.63 -17.03 -24.92
CA GLU A 446 27.84 -16.83 -26.35
C GLU A 446 26.81 -17.59 -27.23
N GLU A 447 26.49 -18.82 -26.84
CA GLU A 447 25.49 -19.64 -27.55
C GLU A 447 24.06 -19.08 -27.55
N CYS A 448 23.64 -18.46 -26.46
CA CYS A 448 22.30 -17.85 -26.41
C CYS A 448 22.27 -16.44 -26.98
N GLY A 449 23.39 -16.01 -27.58
CA GLY A 449 23.53 -14.68 -28.21
C GLY A 449 23.86 -13.57 -27.22
N GLY A 450 24.39 -13.96 -26.06
CA GLY A 450 24.63 -13.03 -24.98
C GLY A 450 25.91 -12.22 -25.17
N LEU A 451 26.91 -12.86 -25.78
CA LEU A 451 28.12 -12.14 -26.15
C LEU A 451 27.85 -10.98 -27.14
N ASP A 452 27.04 -11.23 -28.17
CA ASP A 452 26.63 -10.18 -29.12
C ASP A 452 25.99 -8.98 -28.44
N LYS A 453 25.25 -9.22 -27.36
CA LYS A 453 24.56 -8.14 -26.64
C LYS A 453 25.53 -7.42 -25.71
N ILE A 454 26.46 -8.14 -25.07
CA ILE A 454 27.50 -7.49 -24.27
C ILE A 454 28.48 -6.68 -25.16
N GLU A 455 28.87 -7.24 -26.32
CA GLU A 455 29.76 -6.57 -27.32
C GLU A 455 29.16 -5.27 -27.82
N ALA A 456 27.91 -5.35 -28.28
CA ALA A 456 27.10 -4.17 -28.63
C ALA A 456 26.86 -3.15 -27.49
N LEU A 457 27.19 -3.53 -26.25
CA LEU A 457 26.98 -2.65 -25.09
C LEU A 457 28.23 -1.88 -24.66
N GLN A 458 29.29 -1.96 -25.48
CA GLN A 458 30.42 -1.05 -25.30
C GLN A 458 30.12 0.23 -26.09
N ARG A 459 29.40 0.09 -27.21
CA ARG A 459 28.83 1.22 -27.99
C ARG A 459 27.65 1.92 -27.25
N HIS A 460 27.47 1.60 -25.97
CA HIS A 460 26.41 2.18 -25.15
C HIS A 460 26.99 3.38 -24.41
N GLU A 461 26.25 4.49 -24.45
CA GLU A 461 26.72 5.77 -23.88
C GLU A 461 26.33 5.96 -22.41
N ASN A 462 26.78 5.03 -21.57
CA ASN A 462 26.59 5.13 -20.14
C ASN A 462 27.80 4.70 -19.35
N GLU A 463 28.29 5.60 -18.50
CA GLU A 463 29.44 5.35 -17.61
C GLU A 463 29.72 3.94 -17.06
N SER A 464 28.70 3.29 -16.48
CA SER A 464 28.88 1.94 -15.92
C SER A 464 28.58 0.80 -16.90
N VAL A 465 27.72 1.06 -17.87
CA VAL A 465 27.36 0.07 -18.89
C VAL A 465 28.57 -0.34 -19.72
N TYR A 466 29.16 0.59 -20.48
CA TYR A 466 30.34 0.27 -21.30
C TYR A 466 31.54 -0.12 -20.44
N LYS A 467 31.65 0.44 -19.23
CA LYS A 467 32.74 0.09 -18.31
C LYS A 467 32.66 -1.38 -17.85
N ALA A 468 31.52 -1.79 -17.28
CA ALA A 468 31.31 -3.21 -16.88
C ALA A 468 31.22 -4.15 -18.10
N SER A 469 30.69 -3.64 -19.20
CA SER A 469 30.56 -4.36 -20.47
C SER A 469 31.92 -4.66 -21.12
N LEU A 470 32.74 -3.62 -21.31
CA LEU A 470 34.15 -3.75 -21.74
C LEU A 470 34.96 -4.62 -20.79
N ASN A 471 34.85 -4.37 -19.48
CA ASN A 471 35.44 -5.24 -18.47
C ASN A 471 35.13 -6.74 -18.69
N LEU A 472 33.88 -7.07 -19.05
CA LEU A 472 33.48 -8.48 -19.22
C LEU A 472 34.05 -9.04 -20.50
N ILE A 473 33.89 -8.32 -21.62
CA ILE A 473 34.43 -8.75 -22.93
C ILE A 473 35.96 -8.93 -22.86
N GLU A 474 36.66 -7.88 -22.46
CA GLU A 474 38.10 -7.95 -22.19
C GLU A 474 38.47 -9.08 -21.20
N LYS A 475 37.76 -9.21 -20.09
CA LYS A 475 38.09 -10.25 -19.10
C LYS A 475 37.77 -11.71 -19.49
N TYR A 476 36.72 -11.94 -20.31
CA TYR A 476 36.19 -13.30 -20.53
C TYR A 476 35.89 -13.64 -21.98
N PHE A 477 35.84 -12.64 -22.86
CA PHE A 477 35.44 -12.88 -24.26
C PHE A 477 36.43 -12.38 -25.33
N ASP B 2 0.84 2.05 -3.14
CA ASP B 2 -0.27 2.33 -2.27
C ASP B 2 -1.09 3.45 -2.88
N GLY B 3 -2.35 3.19 -3.22
CA GLY B 3 -3.11 2.05 -2.77
C GLY B 3 -4.57 2.36 -2.92
N PRO B 4 -5.43 1.72 -2.14
CA PRO B 4 -6.86 2.03 -2.10
C PRO B 4 -7.16 3.49 -1.81
N THR B 5 -8.40 3.95 -1.93
CA THR B 5 -8.62 5.39 -2.06
C THR B 5 -8.48 6.06 -0.77
N ALA B 6 -8.00 7.26 -0.82
CA ALA B 6 -7.82 8.03 0.38
C ALA B 6 -9.12 8.59 0.86
N LYS B 7 -9.96 8.99 -0.06
CA LYS B 7 -11.18 9.63 0.29
C LYS B 7 -12.34 8.95 -0.36
N LYS B 8 -13.47 8.99 0.30
CA LYS B 8 -14.64 8.29 -0.15
C LYS B 8 -15.81 9.22 -0.13
N LEU B 9 -16.50 9.29 -1.24
CA LEU B 9 -17.74 10.02 -1.31
C LEU B 9 -18.87 9.10 -0.89
N LYS B 10 -19.73 9.54 0.03
CA LYS B 10 -20.88 8.80 0.40
C LYS B 10 -22.08 9.12 -0.51
N THR B 11 -22.54 8.10 -1.20
CA THR B 11 -23.58 8.30 -2.22
C THR B 11 -24.92 7.75 -1.72
N GLU B 12 -24.89 6.89 -0.71
CA GLU B 12 -26.09 6.19 -0.23
C GLU B 12 -26.01 6.09 1.25
N GLN B 13 -27.17 5.89 1.89
CA GLN B 13 -27.28 5.72 3.33
C GLN B 13 -26.77 4.39 3.88
#